data_3E6C
#
_entry.id   3E6C
#
_cell.length_a   100.600
_cell.length_b   100.600
_cell.length_c   149.660
_cell.angle_alpha   90.00
_cell.angle_beta   90.00
_cell.angle_gamma   120.00
#
_symmetry.space_group_name_H-M   'P 62 2 2'
#
loop_
_entity.id
_entity.type
_entity.pdbx_description
1 polymer 'Cyclic nucleotide-binding protein'
2 polymer "DNA (5'-D(P*DGP*DCP*DAP*DTP*DTP*DAP*DAP*DCP*DAP*DTP*DGP*DCP*DC)-3')"
3 polymer "DNA (5'-D(P*DGP*DGP*DCP*DAP*DTP*DGP*DTP*DTP*DAP*DAP*DTP*DGP*DC)-3')"
4 non-polymer '(3-CHLORO-4-HYDROXYPHENYL)ACETIC ACID'
5 water water
#
loop_
_entity_poly.entity_id
_entity_poly.type
_entity_poly.pdbx_seq_one_letter_code
_entity_poly.pdbx_strand_id
1 'polypeptide(L)'
;MSVEGLGKDFCGAIIPDNFFPIEKLRNYTQMGLIRDFAKGSAVIMPGEEITSMIFLVEGKIKLDIIFEDGSEKLLYYAGG
NSLIGKLYPTGNNIYATAMEPTRTCWFSEKSLRTVFRTDEDMIFEIFKNYLTKVAYYARQVAEMNTYNPTIRILRLFYEL
CSSQGKRVGDTYEITMPLSQKSIGEITGVHHVTVSRVLASLKRENILDKKKNKIIVYNLGELKHLSEQTSYYSDPNSSSV
DKLAAALDHH
;
C
2 'polydeoxyribonucleotide' (DG)(DC)(DA)(DT)(DT)(DA)(DA)(DC)(DA)(DT)(DG)(DC)(DC) B
3 'polydeoxyribonucleotide' (DG)(DG)(DC)(DA)(DT)(DG)(DT)(DT)(DA)(DA)(DT)(DG)(DC) A
#
# COMPACT_ATOMS: atom_id res chain seq x y z
N ASP A 9 -7.95 6.67 -16.52
CA ASP A 9 -9.32 5.97 -16.28
C ASP A 9 -9.60 5.60 -14.76
N PHE A 10 -8.65 5.19 -13.90
CA PHE A 10 -9.01 4.94 -12.44
C PHE A 10 -7.88 4.90 -11.40
N CYS A 11 -7.90 5.87 -10.48
CA CYS A 11 -6.79 6.14 -9.57
C CYS A 11 -7.23 5.77 -8.13
N GLY A 12 -7.37 4.46 -7.93
CA GLY A 12 -7.87 3.83 -6.66
C GLY A 12 -6.87 2.82 -6.09
N ALA A 13 -6.95 2.63 -4.77
CA ALA A 13 -6.17 1.65 -4.02
C ALA A 13 -7.00 1.39 -2.76
N ILE A 14 -7.28 0.16 -2.46
CA ILE A 14 -7.90 -0.28 -1.21
C ILE A 14 -6.81 -0.46 -0.13
N ILE A 15 -5.60 -0.87 -0.54
CA ILE A 15 -4.49 -1.05 0.41
C ILE A 15 -3.24 -0.35 -0.09
N PRO A 16 -2.39 0.09 0.83
CA PRO A 16 -1.24 0.88 0.45
C PRO A 16 -0.05 0.00 0.03
N ASP A 17 -0.25 -0.66 -1.09
CA ASP A 17 0.67 -1.60 -1.62
C ASP A 17 0.54 -1.44 -3.13
N ASN A 18 1.66 -1.29 -3.85
CA ASN A 18 1.67 -1.24 -5.31
C ASN A 18 0.74 -0.18 -5.90
N PHE A 19 0.85 1.03 -5.40
CA PHE A 19 0.04 2.10 -5.93
C PHE A 19 0.42 2.30 -7.38
N PHE A 20 -0.61 2.56 -8.18
CA PHE A 20 -0.47 2.86 -9.61
C PHE A 20 0.87 2.58 -10.28
N PRO A 21 1.20 1.29 -10.50
CA PRO A 21 2.47 1.02 -11.23
C PRO A 21 2.57 1.55 -12.62
N ILE A 22 3.76 1.93 -13.06
CA ILE A 22 3.90 2.54 -14.36
C ILE A 22 4.92 1.68 -15.10
N GLU A 23 4.41 0.62 -15.76
CA GLU A 23 5.23 -0.26 -16.53
C GLU A 23 5.94 0.42 -17.70
N LYS A 24 5.35 1.45 -18.29
CA LYS A 24 6.06 2.06 -19.39
C LYS A 24 7.33 2.80 -19.02
N LEU A 25 7.56 3.14 -17.76
CA LEU A 25 8.77 3.85 -17.37
C LEU A 25 9.97 2.94 -17.45
N ARG A 26 9.76 1.64 -17.59
CA ARG A 26 10.90 0.78 -17.83
C ARG A 26 11.56 0.97 -19.17
N ASN A 27 10.87 1.59 -20.16
CA ASN A 27 11.44 2.00 -21.44
C ASN A 27 12.38 3.20 -21.38
N TYR A 28 12.48 3.84 -20.21
CA TYR A 28 13.26 5.04 -20.02
C TYR A 28 14.26 5.00 -18.86
N THR A 29 14.56 3.82 -18.35
CA THR A 29 15.50 3.76 -17.23
C THR A 29 16.94 4.16 -17.69
N GLN A 30 17.27 4.06 -18.97
CA GLN A 30 18.57 4.60 -19.42
C GLN A 30 18.82 6.13 -19.27
N MET A 31 17.76 6.87 -19.04
CA MET A 31 17.81 8.29 -18.77
C MET A 31 18.00 8.55 -17.33
N GLY A 32 17.84 7.52 -16.53
CA GLY A 32 17.98 7.70 -15.09
C GLY A 32 19.20 6.88 -14.60
N LEU A 33 19.28 6.68 -13.29
CA LEU A 33 20.43 5.98 -12.72
C LEU A 33 20.06 4.69 -12.04
N ILE A 34 20.67 3.48 -12.44
CA ILE A 34 20.31 2.23 -11.83
C ILE A 34 21.01 2.15 -10.48
N ARG A 35 20.28 1.63 -9.52
CA ARG A 35 20.85 1.42 -8.19
C ARG A 35 20.13 0.22 -7.55
N ASP A 36 20.91 -0.80 -7.47
CA ASP A 36 20.66 -2.07 -6.76
C ASP A 36 20.91 -2.08 -5.20
N PHE A 37 19.84 -2.59 -4.51
CA PHE A 37 20.06 -2.80 -3.04
C PHE A 37 19.92 -4.23 -2.61
N ALA A 38 20.67 -4.54 -1.58
CA ALA A 38 20.63 -5.83 -0.94
C ALA A 38 19.44 -5.91 0.03
N LYS A 39 18.99 -7.13 0.30
CA LYS A 39 17.87 -7.33 1.16
C LYS A 39 18.28 -6.84 2.53
N GLY A 40 17.47 -5.99 3.11
CA GLY A 40 17.72 -5.53 4.44
C GLY A 40 18.32 -4.14 4.42
N SER A 41 18.79 -3.63 3.23
CA SER A 41 19.46 -2.34 3.11
C SER A 41 18.52 -1.19 3.09
N ALA A 42 18.99 0.00 3.53
CA ALA A 42 18.19 1.26 3.40
C ALA A 42 18.30 1.85 1.97
N VAL A 43 17.15 1.95 1.30
CA VAL A 43 17.00 2.75 0.06
C VAL A 43 16.96 4.25 0.41
N ILE A 44 16.28 4.59 1.50
CA ILE A 44 16.27 5.93 2.06
C ILE A 44 16.58 5.76 3.53
N MET A 45 17.66 6.39 3.96
CA MET A 45 18.03 6.41 5.37
C MET A 45 17.24 7.45 6.16
N PRO A 46 17.03 7.16 7.45
CA PRO A 46 16.42 8.11 8.36
C PRO A 46 17.18 9.42 8.29
N GLY A 47 16.49 10.52 8.15
CA GLY A 47 17.17 11.78 7.98
C GLY A 47 17.81 12.05 6.62
N GLU A 48 17.77 11.14 5.66
CA GLU A 48 18.40 11.41 4.34
C GLU A 48 17.45 12.33 3.51
N GLU A 49 18.00 13.36 2.88
CA GLU A 49 17.20 14.22 2.05
C GLU A 49 17.22 13.67 0.63
N ILE A 50 16.07 13.34 0.13
CA ILE A 50 15.93 12.75 -1.18
C ILE A 50 15.30 13.76 -2.15
N THR A 51 15.89 13.90 -3.32
CA THR A 51 15.37 14.75 -4.36
C THR A 51 15.46 14.05 -5.72
N SER A 52 14.85 12.90 -5.81
CA SER A 52 14.79 12.09 -7.03
C SER A 52 13.54 11.33 -6.97
N MET A 53 12.97 11.01 -8.11
CA MET A 53 11.97 9.98 -8.12
C MET A 53 12.66 8.60 -8.21
N ILE A 54 12.15 7.61 -7.52
CA ILE A 54 12.81 6.31 -7.43
C ILE A 54 11.83 5.27 -7.97
N PHE A 55 12.16 4.75 -9.13
CA PHE A 55 11.35 3.77 -9.82
C PHE A 55 11.83 2.38 -9.39
N LEU A 56 10.94 1.46 -9.08
CA LEU A 56 11.30 0.14 -8.59
C LEU A 56 11.14 -0.81 -9.80
N VAL A 57 12.28 -1.19 -10.35
CA VAL A 57 12.33 -2.07 -11.51
C VAL A 57 12.00 -3.53 -11.11
N GLU A 58 12.51 -3.98 -9.96
CA GLU A 58 12.30 -5.35 -9.50
C GLU A 58 12.54 -5.41 -7.99
N GLY A 59 11.74 -6.15 -7.23
CA GLY A 59 11.93 -6.28 -5.78
C GLY A 59 10.76 -5.74 -4.97
N LYS A 60 11.06 -5.22 -3.79
CA LYS A 60 10.05 -4.90 -2.82
C LYS A 60 10.65 -3.98 -1.79
N ILE A 61 10.03 -2.82 -1.61
CA ILE A 61 10.45 -1.84 -0.56
C ILE A 61 9.33 -1.61 0.49
N LYS A 62 9.74 -1.52 1.75
CA LYS A 62 8.83 -1.11 2.79
C LYS A 62 9.15 0.31 3.15
N LEU A 63 8.18 1.19 3.10
CA LEU A 63 8.44 2.63 3.29
C LEU A 63 7.66 3.19 4.55
N ASP A 64 8.40 3.74 5.50
CA ASP A 64 7.90 4.11 6.85
C ASP A 64 8.20 5.60 7.08
N ILE A 65 7.43 6.23 7.96
CA ILE A 65 7.76 7.55 8.47
C ILE A 65 8.27 7.39 9.91
N ILE A 66 9.19 8.24 10.34
CA ILE A 66 9.65 8.29 11.71
C ILE A 66 9.39 9.66 12.31
N PHE A 67 8.70 9.68 13.42
CA PHE A 67 8.47 10.89 14.16
C PHE A 67 9.70 11.28 14.98
N GLU A 68 9.62 12.52 15.44
CA GLU A 68 10.66 13.17 16.26
C GLU A 68 10.99 12.38 17.53
N ASP A 69 9.99 11.83 18.20
CA ASP A 69 10.21 10.97 19.36
C ASP A 69 10.65 9.55 19.01
N GLY A 70 10.95 9.29 17.74
CA GLY A 70 11.37 7.98 17.32
C GLY A 70 10.27 6.98 16.99
N SER A 71 9.00 7.34 17.15
CA SER A 71 7.94 6.44 16.73
C SER A 71 8.06 6.16 15.26
N GLU A 72 7.86 4.93 14.82
CA GLU A 72 7.93 4.58 13.42
C GLU A 72 6.65 3.88 12.96
N LYS A 73 6.13 4.33 11.79
CA LYS A 73 4.89 3.79 11.22
C LYS A 73 5.00 3.48 9.75
N LEU A 74 4.27 2.46 9.31
CA LEU A 74 4.19 2.14 7.89
C LEU A 74 3.50 3.26 7.13
N LEU A 75 4.04 3.63 5.97
CA LEU A 75 3.29 4.34 4.95
C LEU A 75 2.76 3.41 3.84
N TYR A 76 3.64 2.71 3.15
CA TYR A 76 3.25 1.79 2.15
C TYR A 76 4.29 0.76 1.79
N TYR A 77 3.83 -0.29 1.11
CA TYR A 77 4.73 -1.17 0.37
C TYR A 77 4.73 -0.87 -1.15
N ALA A 78 5.92 -1.09 -1.72
CA ALA A 78 6.24 -0.86 -3.14
C ALA A 78 6.82 -2.13 -3.76
N GLY A 79 6.29 -2.47 -4.91
CA GLY A 79 6.72 -3.61 -5.72
C GLY A 79 7.18 -3.18 -7.12
N GLY A 80 7.27 -4.12 -8.05
CA GLY A 80 7.84 -3.88 -9.37
C GLY A 80 6.96 -2.84 -10.06
N ASN A 81 7.62 -1.86 -10.69
CA ASN A 81 7.01 -0.80 -11.41
C ASN A 81 6.36 0.27 -10.56
N SER A 82 6.51 0.21 -9.22
CA SER A 82 6.14 1.30 -8.36
C SER A 82 7.11 2.47 -8.44
N LEU A 83 6.56 3.62 -8.05
CA LEU A 83 7.23 4.92 -8.07
C LEU A 83 7.13 5.60 -6.69
N ILE A 84 8.29 5.85 -6.09
CA ILE A 84 8.52 6.80 -4.97
C ILE A 84 8.72 8.21 -5.44
N GLY A 85 7.71 9.07 -5.18
CA GLY A 85 7.60 10.41 -5.78
C GLY A 85 8.25 11.51 -4.97
N LYS A 86 9.36 11.18 -4.28
CA LYS A 86 10.10 12.18 -3.43
C LYS A 86 11.09 13.11 -4.14
N LEU A 87 10.63 13.85 -5.16
CA LEU A 87 11.51 14.68 -5.96
C LEU A 87 12.04 15.95 -5.28
N TYR A 88 11.34 16.31 -4.22
CA TYR A 88 11.57 17.56 -3.49
C TYR A 88 11.46 17.22 -2.01
N PRO A 89 12.10 18.02 -1.15
CA PRO A 89 11.99 17.88 0.31
C PRO A 89 10.57 18.11 0.88
N THR A 90 10.15 17.26 1.82
CA THR A 90 8.78 17.28 2.32
C THR A 90 8.59 17.61 3.77
N GLY A 91 9.66 17.60 4.52
CA GLY A 91 9.47 17.74 5.94
C GLY A 91 9.28 16.45 6.70
N ASN A 92 9.01 15.33 6.03
CA ASN A 92 8.83 14.10 6.77
C ASN A 92 10.13 13.30 6.80
N ASN A 93 10.41 12.67 7.93
CA ASN A 93 11.53 11.73 7.99
C ASN A 93 11.14 10.32 7.53
N ILE A 94 11.64 9.92 6.37
CA ILE A 94 11.21 8.69 5.74
C ILE A 94 12.36 7.66 5.90
N TYR A 95 12.01 6.38 6.10
CA TYR A 95 12.95 5.28 6.14
C TYR A 95 12.36 4.15 5.28
N ALA A 96 13.06 3.81 4.20
CA ALA A 96 12.60 2.83 3.21
C ALA A 96 13.66 1.75 3.10
N THR A 97 13.25 0.51 3.35
CA THR A 97 14.14 -0.66 3.36
C THR A 97 13.78 -1.65 2.28
N ALA A 98 14.78 -2.24 1.65
CA ALA A 98 14.61 -3.32 0.66
C ALA A 98 14.22 -4.61 1.40
N MET A 99 13.03 -5.14 1.10
CA MET A 99 12.55 -6.37 1.74
C MET A 99 13.11 -7.58 1.01
N GLU A 100 13.59 -7.31 -0.19
CA GLU A 100 14.24 -8.32 -0.98
C GLU A 100 15.31 -7.67 -1.85
N PRO A 101 16.11 -8.46 -2.55
CA PRO A 101 17.04 -7.78 -3.45
C PRO A 101 16.26 -7.00 -4.47
N THR A 102 16.60 -5.71 -4.58
CA THR A 102 15.77 -4.73 -5.25
C THR A 102 16.63 -3.90 -6.20
N ARG A 103 16.13 -3.81 -7.47
CA ARG A 103 16.61 -2.79 -8.44
C ARG A 103 15.76 -1.58 -8.60
N THR A 104 16.39 -0.40 -8.40
CA THR A 104 15.81 0.88 -8.53
C THR A 104 16.45 1.60 -9.69
N CYS A 105 15.78 2.66 -10.04
CA CYS A 105 16.16 3.63 -11.05
C CYS A 105 15.79 5.08 -10.53
N TRP A 106 16.84 5.89 -10.32
CA TRP A 106 16.76 7.22 -9.71
C TRP A 106 16.66 8.24 -10.82
N PHE A 107 15.58 9.02 -10.74
CA PHE A 107 15.29 10.04 -11.79
C PHE A 107 15.36 11.38 -11.10
N SER A 108 16.37 12.15 -11.45
CA SER A 108 16.38 13.53 -11.03
C SER A 108 15.44 14.40 -11.83
N GLU A 109 15.29 15.66 -11.42
CA GLU A 109 14.46 16.64 -12.18
C GLU A 109 14.97 16.78 -13.57
N LYS A 110 16.26 16.96 -13.77
CA LYS A 110 16.82 17.06 -15.14
C LYS A 110 16.54 15.84 -15.97
N SER A 111 16.69 14.67 -15.38
CA SER A 111 16.49 13.38 -16.04
C SER A 111 15.01 13.21 -16.43
N LEU A 112 14.09 13.63 -15.56
CA LEU A 112 12.66 13.64 -15.92
C LEU A 112 12.33 14.53 -17.10
N ARG A 113 12.95 15.72 -17.22
CA ARG A 113 12.77 16.53 -18.38
C ARG A 113 13.13 15.77 -19.65
N THR A 114 14.24 15.02 -19.58
CA THR A 114 14.71 14.24 -20.72
C THR A 114 13.67 13.19 -21.14
N VAL A 115 13.07 12.51 -20.17
CA VAL A 115 12.02 11.51 -20.35
C VAL A 115 10.78 12.18 -21.00
N PHE A 116 10.44 13.38 -20.54
CA PHE A 116 9.15 14.03 -20.98
C PHE A 116 9.32 14.56 -22.41
N ARG A 117 10.53 14.93 -22.78
CA ARG A 117 10.81 15.38 -24.10
C ARG A 117 10.75 14.26 -25.09
N THR A 118 10.94 13.03 -24.63
CA THR A 118 10.80 11.84 -25.45
C THR A 118 9.36 11.29 -25.44
N ASP A 119 8.68 11.39 -24.33
CA ASP A 119 7.37 10.83 -24.19
C ASP A 119 6.51 11.71 -23.24
N GLU A 120 5.70 12.61 -23.79
CA GLU A 120 4.90 13.57 -23.04
C GLU A 120 3.89 12.82 -22.19
N ASP A 121 3.45 11.63 -22.63
CA ASP A 121 2.53 10.80 -21.74
C ASP A 121 2.99 10.39 -20.43
N MET A 122 4.31 10.21 -20.26
CA MET A 122 4.83 9.86 -18.94
C MET A 122 4.51 10.94 -17.88
N ILE A 123 4.39 12.20 -18.32
CA ILE A 123 3.91 13.25 -17.40
C ILE A 123 2.63 12.80 -16.71
N PHE A 124 1.66 12.34 -17.50
CA PHE A 124 0.32 12.08 -17.00
C PHE A 124 0.26 10.76 -16.21
N GLU A 125 1.10 9.81 -16.54
CA GLU A 125 1.28 8.64 -15.75
C GLU A 125 1.74 8.97 -14.36
N ILE A 126 2.69 9.88 -14.23
CA ILE A 126 3.13 10.30 -12.91
C ILE A 126 2.02 11.02 -12.11
N PHE A 127 1.32 11.93 -12.78
CA PHE A 127 0.12 12.53 -12.16
C PHE A 127 -0.84 11.46 -11.61
N LYS A 128 -1.10 10.46 -12.41
CA LYS A 128 -1.99 9.32 -11.98
C LYS A 128 -1.51 8.60 -10.71
N ASN A 129 -0.21 8.39 -10.69
CA ASN A 129 0.45 7.77 -9.56
C ASN A 129 0.31 8.69 -8.27
N TYR A 130 0.59 9.98 -8.41
CA TYR A 130 0.37 10.87 -7.31
C TYR A 130 -1.10 10.92 -6.87
N LEU A 131 -1.97 11.10 -7.87
CA LEU A 131 -3.42 11.18 -7.54
C LEU A 131 -3.91 10.00 -6.75
N THR A 132 -3.51 8.80 -7.18
CA THR A 132 -3.84 7.60 -6.47
C THR A 132 -3.42 7.64 -4.99
N LYS A 133 -2.21 8.18 -4.72
CA LYS A 133 -1.77 8.26 -3.35
C LYS A 133 -2.55 9.27 -2.55
N VAL A 134 -2.82 10.42 -3.15
CA VAL A 134 -3.59 11.42 -2.45
C VAL A 134 -5.01 10.91 -2.17
N ALA A 135 -5.69 10.29 -3.14
CA ALA A 135 -7.02 9.72 -2.93
C ALA A 135 -7.05 8.66 -1.79
N TYR A 136 -5.97 7.84 -1.71
CA TYR A 136 -5.85 6.82 -0.66
C TYR A 136 -5.76 7.41 0.68
N TYR A 137 -4.78 8.31 0.85
CA TYR A 137 -4.48 8.77 2.19
C TYR A 137 -5.54 9.79 2.65
N ALA A 138 -6.01 10.64 1.74
CA ALA A 138 -7.09 11.53 2.11
C ALA A 138 -8.33 10.79 2.58
N ARG A 139 -8.79 9.74 1.87
CA ARG A 139 -9.86 8.91 2.35
C ARG A 139 -9.58 8.22 3.70
N GLN A 140 -8.34 7.77 3.91
CA GLN A 140 -7.98 7.02 5.10
C GLN A 140 -8.11 7.96 6.30
N VAL A 141 -7.66 9.22 6.15
CA VAL A 141 -7.84 10.21 7.21
C VAL A 141 -9.38 10.31 7.55
N ALA A 142 -10.18 10.57 6.54
CA ALA A 142 -11.63 10.73 6.70
C ALA A 142 -12.33 9.45 7.25
N GLU A 143 -11.87 8.28 6.85
CA GLU A 143 -12.37 7.03 7.36
C GLU A 143 -12.02 6.81 8.83
N MET A 144 -10.82 7.17 9.22
CA MET A 144 -10.46 7.04 10.63
C MET A 144 -11.21 8.00 11.52
N ASN A 145 -11.68 9.12 10.96
CA ASN A 145 -12.47 10.12 11.63
C ASN A 145 -13.95 9.75 11.66
N THR A 146 -14.35 8.70 10.96
CA THR A 146 -15.75 8.29 10.78
C THR A 146 -16.07 6.92 11.40
N TYR A 147 -15.18 5.95 11.33
CA TYR A 147 -15.48 4.56 11.74
C TYR A 147 -14.50 4.11 12.80
N ASN A 148 -14.97 3.24 13.66
CA ASN A 148 -14.20 2.79 14.81
C ASN A 148 -13.21 1.75 14.28
N PRO A 149 -12.06 1.53 14.95
CA PRO A 149 -11.07 0.51 14.56
C PRO A 149 -11.63 -0.84 14.07
N THR A 150 -12.52 -1.47 14.82
CA THR A 150 -13.02 -2.81 14.51
C THR A 150 -13.89 -2.76 13.27
N ILE A 151 -14.64 -1.67 13.13
CA ILE A 151 -15.40 -1.41 11.90
C ILE A 151 -14.49 -1.21 10.68
N ARG A 152 -13.36 -0.51 10.84
CA ARG A 152 -12.45 -0.34 9.75
C ARG A 152 -11.85 -1.67 9.26
N ILE A 153 -11.68 -2.61 10.16
CA ILE A 153 -11.20 -3.90 9.75
C ILE A 153 -12.26 -4.60 8.88
N LEU A 154 -13.52 -4.64 9.34
CA LEU A 154 -14.63 -5.25 8.55
C LEU A 154 -14.80 -4.61 7.17
N ARG A 155 -14.70 -3.29 7.15
CA ARG A 155 -14.81 -2.47 5.93
C ARG A 155 -13.73 -2.77 4.93
N LEU A 156 -12.53 -3.06 5.40
CA LEU A 156 -11.41 -3.46 4.54
C LEU A 156 -11.65 -4.80 3.86
N PHE A 157 -12.11 -5.78 4.61
CA PHE A 157 -12.39 -7.10 4.06
C PHE A 157 -13.56 -7.06 3.09
N TYR A 158 -14.56 -6.25 3.39
CA TYR A 158 -15.70 -6.08 2.51
C TYR A 158 -15.29 -5.43 1.17
N GLU A 159 -14.50 -4.38 1.23
CA GLU A 159 -14.02 -3.67 0.05
C GLU A 159 -13.05 -4.48 -0.81
N LEU A 160 -12.15 -5.23 -0.18
CA LEU A 160 -11.28 -6.14 -0.95
C LEU A 160 -12.08 -7.22 -1.59
N CYS A 161 -13.07 -7.74 -0.87
CA CYS A 161 -13.99 -8.75 -1.44
C CYS A 161 -14.81 -8.22 -2.66
N SER A 162 -15.38 -7.04 -2.50
CA SER A 162 -16.04 -6.34 -3.58
C SER A 162 -15.20 -6.03 -4.75
N SER A 163 -13.99 -5.58 -4.52
CA SER A 163 -13.12 -5.14 -5.58
C SER A 163 -12.37 -6.29 -6.15
N GLN A 164 -11.81 -7.18 -5.34
CA GLN A 164 -11.06 -8.32 -5.93
C GLN A 164 -11.37 -9.76 -5.44
N GLY A 165 -12.50 -9.96 -4.80
CA GLY A 165 -12.88 -11.26 -4.31
C GLY A 165 -13.42 -12.01 -5.53
N LYS A 166 -13.02 -13.25 -5.70
CA LYS A 166 -13.51 -14.07 -6.80
C LYS A 166 -14.57 -15.00 -6.26
N ARG A 167 -15.72 -15.15 -6.93
CA ARG A 167 -16.72 -16.11 -6.45
C ARG A 167 -16.22 -17.52 -6.69
N VAL A 168 -16.22 -18.35 -5.65
CA VAL A 168 -15.84 -19.75 -5.82
C VAL A 168 -16.92 -20.63 -5.18
N GLY A 169 -17.93 -21.04 -5.93
CA GLY A 169 -19.07 -21.70 -5.32
C GLY A 169 -19.77 -20.88 -4.24
N ASP A 170 -19.91 -21.50 -3.08
CA ASP A 170 -20.45 -20.91 -1.84
C ASP A 170 -19.74 -19.63 -1.24
N THR A 171 -18.52 -19.34 -1.72
CA THR A 171 -17.66 -18.42 -1.05
C THR A 171 -17.18 -17.33 -1.99
N TYR A 172 -16.40 -16.41 -1.45
CA TYR A 172 -15.49 -15.54 -2.23
C TYR A 172 -14.08 -15.81 -1.73
N GLU A 173 -13.12 -15.88 -2.66
CA GLU A 173 -11.72 -15.91 -2.30
C GLU A 173 -11.00 -14.62 -2.68
N ILE A 174 -10.29 -14.01 -1.73
CA ILE A 174 -9.39 -12.90 -2.05
C ILE A 174 -7.96 -13.45 -2.06
N THR A 175 -7.39 -13.61 -3.25
CA THR A 175 -6.06 -14.25 -3.37
C THR A 175 -5.04 -13.19 -3.01
N MET A 176 -4.70 -13.21 -1.72
CA MET A 176 -3.82 -12.23 -1.18
C MET A 176 -3.12 -12.69 0.11
N PRO A 177 -1.78 -12.61 0.15
CA PRO A 177 -1.03 -12.92 1.36
C PRO A 177 -0.90 -11.68 2.22
N LEU A 178 -1.53 -11.69 3.37
CA LEU A 178 -1.68 -10.50 4.19
C LEU A 178 -1.62 -10.85 5.68
N SER A 179 -0.63 -10.40 6.41
CA SER A 179 -0.57 -10.77 7.82
C SER A 179 -1.50 -9.93 8.71
N GLN A 180 -1.81 -10.46 9.88
CA GLN A 180 -2.55 -9.70 10.90
C GLN A 180 -1.82 -8.44 11.33
N LYS A 181 -0.51 -8.54 11.45
CA LYS A 181 0.37 -7.41 11.78
C LYS A 181 0.16 -6.29 10.73
N SER A 182 0.14 -6.63 9.45
CA SER A 182 -0.02 -5.61 8.38
C SER A 182 -1.40 -5.04 8.35
N ILE A 183 -2.41 -5.90 8.48
CA ILE A 183 -3.82 -5.47 8.64
C ILE A 183 -3.87 -4.41 9.75
N GLY A 184 -3.28 -4.70 10.91
CA GLY A 184 -3.23 -3.72 11.96
C GLY A 184 -2.57 -2.42 11.57
N GLU A 185 -1.48 -2.51 10.81
CA GLU A 185 -0.68 -1.35 10.48
C GLU A 185 -1.42 -0.47 9.47
N ILE A 186 -2.06 -1.14 8.51
CA ILE A 186 -2.85 -0.51 7.44
C ILE A 186 -4.09 0.17 8.02
N THR A 187 -4.79 -0.50 8.97
CA THR A 187 -6.07 -0.03 9.52
C THR A 187 -5.92 0.85 10.77
N GLY A 188 -4.71 0.86 11.34
CA GLY A 188 -4.45 1.55 12.57
C GLY A 188 -5.17 0.95 13.75
N VAL A 189 -5.02 -0.34 13.94
CA VAL A 189 -5.70 -1.11 14.97
C VAL A 189 -4.59 -1.97 15.56
N HIS A 190 -4.61 -2.15 16.90
CA HIS A 190 -3.63 -2.96 17.59
C HIS A 190 -3.73 -4.38 17.04
N HIS A 191 -2.60 -5.06 16.86
CA HIS A 191 -2.60 -6.42 16.35
C HIS A 191 -3.36 -7.43 17.21
N VAL A 192 -3.56 -7.13 18.49
CA VAL A 192 -4.28 -8.08 19.35
C VAL A 192 -5.77 -7.89 19.06
N THR A 193 -6.23 -6.66 18.84
CA THR A 193 -7.63 -6.43 18.43
C THR A 193 -7.89 -7.13 17.10
N VAL A 194 -6.89 -7.10 16.21
CA VAL A 194 -7.03 -7.75 14.88
C VAL A 194 -7.23 -9.25 15.09
N SER A 195 -6.42 -9.83 15.99
CA SER A 195 -6.54 -11.27 16.30
C SER A 195 -7.91 -11.64 16.84
N ARG A 196 -8.42 -10.78 17.72
CA ARG A 196 -9.73 -10.99 18.37
C ARG A 196 -10.90 -10.97 17.39
N VAL A 197 -10.91 -9.94 16.55
CA VAL A 197 -11.93 -9.75 15.51
C VAL A 197 -11.97 -10.87 14.53
N LEU A 198 -10.80 -11.32 14.09
CA LEU A 198 -10.71 -12.46 13.17
C LEU A 198 -11.12 -13.77 13.83
N ALA A 199 -10.81 -13.99 15.12
CA ALA A 199 -11.33 -15.09 15.89
C ALA A 199 -12.85 -15.13 15.80
N SER A 200 -13.47 -13.98 15.96
CA SER A 200 -14.91 -13.90 15.98
C SER A 200 -15.45 -14.26 14.64
N LEU A 201 -14.94 -13.58 13.62
CA LEU A 201 -15.39 -13.78 12.23
C LEU A 201 -15.23 -15.24 11.80
N LYS A 202 -14.19 -15.90 12.30
CA LYS A 202 -13.92 -17.29 11.96
C LYS A 202 -14.94 -18.21 12.61
N ARG A 203 -15.10 -18.07 13.93
CA ARG A 203 -15.99 -18.95 14.68
C ARG A 203 -17.45 -18.72 14.32
N GLU A 204 -17.82 -17.50 13.90
CA GLU A 204 -19.17 -17.30 13.38
C GLU A 204 -19.31 -17.69 11.91
N ASN A 205 -18.27 -18.25 11.28
CA ASN A 205 -18.32 -18.65 9.87
C ASN A 205 -18.67 -17.56 8.85
N ILE A 206 -18.00 -16.41 9.00
CA ILE A 206 -18.23 -15.26 8.12
C ILE A 206 -17.06 -15.16 7.17
N LEU A 207 -15.88 -15.43 7.70
CA LEU A 207 -14.64 -15.15 7.03
C LEU A 207 -13.49 -15.89 7.70
N ASP A 208 -12.59 -16.42 6.88
CA ASP A 208 -11.35 -17.06 7.31
C ASP A 208 -10.13 -16.49 6.55
N LYS A 209 -9.29 -15.77 7.26
CA LYS A 209 -8.05 -15.22 6.74
C LYS A 209 -6.94 -16.28 6.89
N LYS A 210 -6.54 -16.93 5.79
CA LYS A 210 -5.50 -17.97 5.80
C LYS A 210 -4.15 -17.39 5.35
N LYS A 211 -3.17 -18.25 5.08
CA LYS A 211 -1.83 -17.77 4.71
C LYS A 211 -1.85 -16.93 3.43
N ASN A 212 -2.50 -17.45 2.41
CA ASN A 212 -2.40 -16.84 1.11
C ASN A 212 -3.74 -16.44 0.50
N LYS A 213 -4.82 -16.57 1.26
CA LYS A 213 -6.18 -16.33 0.79
C LYS A 213 -7.05 -15.91 2.01
N ILE A 214 -7.93 -14.95 1.79
CA ILE A 214 -9.04 -14.71 2.66
C ILE A 214 -10.25 -15.33 1.97
N ILE A 215 -11.01 -16.12 2.73
CA ILE A 215 -12.24 -16.77 2.26
C ILE A 215 -13.48 -16.19 2.97
N VAL A 216 -14.43 -15.62 2.21
CA VAL A 216 -15.64 -15.05 2.81
C VAL A 216 -16.77 -16.01 2.54
N TYR A 217 -17.21 -16.63 3.64
CA TYR A 217 -18.31 -17.55 3.65
C TYR A 217 -19.64 -16.82 3.69
N ASN A 218 -19.66 -15.55 4.08
CA ASN A 218 -20.92 -14.85 4.27
C ASN A 218 -20.76 -13.34 4.07
N LEU A 219 -20.81 -12.90 2.82
CA LEU A 219 -20.60 -11.50 2.43
C LEU A 219 -21.69 -10.57 2.96
N GLY A 220 -22.94 -10.99 2.93
CA GLY A 220 -24.03 -10.12 3.39
C GLY A 220 -24.02 -9.84 4.87
N GLU A 221 -23.58 -10.81 5.68
CA GLU A 221 -23.32 -10.62 7.12
C GLU A 221 -22.09 -9.80 7.39
N LEU A 222 -21.02 -10.07 6.65
CA LEU A 222 -19.85 -9.24 6.75
C LEU A 222 -20.25 -7.78 6.57
N LYS A 223 -21.05 -7.53 5.53
CA LYS A 223 -21.41 -6.18 5.14
C LYS A 223 -22.31 -5.54 6.22
N HIS A 224 -23.27 -6.31 6.69
CA HIS A 224 -24.18 -5.84 7.72
C HIS A 224 -23.44 -5.42 9.00
N LEU A 225 -22.64 -6.31 9.55
CA LEU A 225 -21.75 -5.97 10.67
C LEU A 225 -20.85 -4.75 10.43
N SER A 226 -20.36 -4.54 9.19
CA SER A 226 -19.51 -3.38 8.87
C SER A 226 -20.27 -2.09 8.94
N GLU A 227 -21.60 -2.19 9.02
CA GLU A 227 -22.47 -1.03 9.07
C GLU A 227 -22.86 -0.62 10.45
N GLN A 228 -22.33 -1.33 11.47
CA GLN A 228 -22.62 -1.03 12.88
C GLN A 228 -21.49 -0.22 13.44
N THR A 229 -21.56 0.15 14.70
CA THR A 229 -20.58 1.10 15.23
C THR A 229 -19.39 0.41 15.92
N SER A 230 -19.57 -0.89 16.20
CA SER A 230 -18.53 -1.70 16.84
C SER A 230 -18.64 -3.15 16.48
N TYR A 231 -17.53 -3.85 16.49
CA TYR A 231 -17.56 -5.32 16.42
C TYR A 231 -16.49 -5.82 17.35
N TYR A 232 -16.47 -5.30 18.54
CA TYR A 232 -15.67 -5.86 19.62
C TYR A 232 -16.64 -6.88 20.27
N SER A 233 -16.80 -8.00 19.56
CA SER A 233 -17.79 -9.03 19.88
C SER A 233 -17.18 -10.44 19.75
#